data_2FCG
#
_entry.id   2FCG
#
_entity_poly.entity_id   1
_entity_poly.type   'polypeptide(L)'
_entity_poly.pdbx_seq_one_letter_code
;IGKEFKRIVQRIKDFLRNLVPRTES
;
_entity_poly.pdbx_strand_id   F
#
# COMPACT_ATOMS: atom_id res chain seq x y z
N ILE A 1 8.77 -19.68 5.51
CA ILE A 1 8.05 -18.49 4.99
C ILE A 1 6.59 -18.53 5.44
N GLY A 2 6.05 -17.38 5.82
CA GLY A 2 4.68 -17.30 6.27
C GLY A 2 4.15 -15.87 6.14
N LYS A 3 2.95 -15.74 5.59
CA LYS A 3 2.35 -14.43 5.42
C LYS A 3 1.85 -13.88 6.75
N GLU A 4 2.44 -12.76 7.18
CA GLU A 4 2.06 -12.14 8.45
C GLU A 4 2.22 -10.63 8.37
N PHE A 5 3.47 -10.18 8.27
CA PHE A 5 3.75 -8.76 8.17
C PHE A 5 3.37 -8.23 6.79
N LYS A 6 3.49 -9.09 5.79
CA LYS A 6 3.17 -8.68 4.43
C LYS A 6 1.70 -8.28 4.29
N ARG A 7 0.85 -8.86 5.14
CA ARG A 7 -0.58 -8.58 5.10
C ARG A 7 -0.85 -7.08 5.25
N ILE A 8 -0.26 -6.45 6.26
CA ILE A 8 -0.48 -5.03 6.48
C ILE A 8 0.04 -4.20 5.30
N VAL A 9 1.09 -4.70 4.64
CA VAL A 9 1.66 -4.00 3.49
C VAL A 9 0.69 -4.04 2.31
N GLN A 10 0.07 -5.20 2.09
CA GLN A 10 -0.87 -5.34 0.99
C GLN A 10 -1.96 -4.27 1.09
N ARG A 11 -2.14 -3.72 2.29
CA ARG A 11 -3.15 -2.69 2.51
C ARG A 11 -2.73 -1.36 1.91
N ILE A 12 -1.44 -1.03 2.01
CA ILE A 12 -0.95 0.23 1.47
C ILE A 12 -0.72 0.16 -0.04
N LYS A 13 -0.40 -1.03 -0.54
CA LYS A 13 -0.15 -1.17 -1.98
C LYS A 13 -1.32 -0.65 -2.82
N ASP A 14 -2.53 -1.09 -2.50
CA ASP A 14 -3.71 -0.62 -3.23
C ASP A 14 -4.03 0.79 -2.79
N PHE A 15 -3.58 1.11 -1.59
CA PHE A 15 -3.78 2.42 -0.99
C PHE A 15 -3.30 3.53 -1.92
N LEU A 16 -2.08 3.39 -2.42
CA LEU A 16 -1.52 4.41 -3.30
C LEU A 16 -2.47 4.68 -4.46
N ARG A 17 -3.20 3.65 -4.87
CA ARG A 17 -4.13 3.81 -5.98
C ARG A 17 -5.36 4.59 -5.54
N ASN A 18 -5.69 4.52 -4.26
CA ASN A 18 -6.84 5.23 -3.72
C ASN A 18 -6.53 6.71 -3.56
N LEU A 19 -5.32 7.01 -3.08
CA LEU A 19 -4.91 8.40 -2.89
C LEU A 19 -3.82 8.78 -3.88
N VAL A 20 -4.07 9.84 -4.64
CA VAL A 20 -3.11 10.30 -5.64
C VAL A 20 -2.03 11.16 -5.00
N PRO A 21 -0.77 10.80 -5.11
CA PRO A 21 0.35 11.57 -4.51
C PRO A 21 0.19 13.08 -4.75
N ARG A 22 1.08 13.86 -4.15
CA ARG A 22 1.03 15.31 -4.29
C ARG A 22 1.43 15.71 -5.71
N THR A 23 0.45 15.79 -6.60
CA THR A 23 0.71 16.18 -7.99
C THR A 23 1.96 15.45 -8.50
N GLU A 24 1.81 14.15 -8.74
CA GLU A 24 2.93 13.36 -9.25
C GLU A 24 2.44 11.99 -9.72
N SER A 25 2.94 11.56 -10.88
CA SER A 25 2.54 10.28 -11.45
C SER A 25 3.60 9.22 -11.15
N ILE A 1 9.26 -12.75 -8.91
CA ILE A 1 9.90 -14.09 -9.00
C ILE A 1 10.40 -14.52 -7.63
N GLY A 2 9.71 -14.07 -6.59
CA GLY A 2 10.09 -14.42 -5.22
C GLY A 2 9.23 -13.66 -4.22
N LYS A 3 8.49 -14.40 -3.40
CA LYS A 3 7.64 -13.80 -2.39
C LYS A 3 8.46 -13.33 -1.20
N GLU A 4 9.50 -12.55 -1.47
CA GLU A 4 10.36 -12.04 -0.41
C GLU A 4 9.79 -10.77 0.21
N PHE A 5 10.67 -9.91 0.70
CA PHE A 5 10.23 -8.66 1.31
C PHE A 5 9.47 -7.80 0.32
N LYS A 6 9.82 -7.91 -0.95
CA LYS A 6 9.16 -7.14 -1.99
C LYS A 6 7.65 -7.32 -1.93
N ARG A 7 7.21 -8.48 -1.47
CA ARG A 7 5.79 -8.77 -1.37
C ARG A 7 5.12 -7.86 -0.34
N ILE A 8 5.84 -7.56 0.74
CA ILE A 8 5.30 -6.70 1.79
C ILE A 8 5.06 -5.29 1.26
N VAL A 9 5.87 -4.88 0.28
CA VAL A 9 5.74 -3.56 -0.31
C VAL A 9 4.45 -3.44 -1.11
N GLN A 10 4.09 -4.50 -1.82
CA GLN A 10 2.87 -4.48 -2.63
C GLN A 10 1.64 -4.31 -1.75
N ARG A 11 1.77 -4.65 -0.47
CA ARG A 11 0.66 -4.53 0.47
C ARG A 11 0.39 -3.08 0.84
N ILE A 12 1.44 -2.27 0.90
CA ILE A 12 1.27 -0.87 1.28
C ILE A 12 0.82 -0.02 0.08
N LYS A 13 1.17 -0.44 -1.14
CA LYS A 13 0.78 0.33 -2.32
C LYS A 13 -0.75 0.40 -2.44
N ASP A 14 -1.41 -0.74 -2.35
CA ASP A 14 -2.87 -0.78 -2.44
C ASP A 14 -3.45 -0.15 -1.17
N PHE A 15 -2.63 -0.18 -0.14
CA PHE A 15 -2.98 0.36 1.17
C PHE A 15 -3.50 1.79 1.07
N LEU A 16 -2.75 2.64 0.38
CA LEU A 16 -3.16 4.03 0.25
C LEU A 16 -4.59 4.12 -0.27
N ARG A 17 -4.97 3.17 -1.12
CA ARG A 17 -6.31 3.13 -1.67
C ARG A 17 -7.32 2.69 -0.61
N ASN A 18 -6.83 1.94 0.37
CA ASN A 18 -7.69 1.44 1.44
C ASN A 18 -7.91 2.51 2.51
N LEU A 19 -6.85 3.23 2.87
CA LEU A 19 -6.95 4.28 3.88
C LEU A 19 -7.85 5.41 3.40
N VAL A 20 -7.31 6.24 2.51
CA VAL A 20 -8.07 7.37 1.98
C VAL A 20 -8.62 8.22 3.11
N PRO A 21 -7.76 8.95 3.80
CA PRO A 21 -8.17 9.82 4.94
C PRO A 21 -8.80 11.13 4.46
N ARG A 22 -9.52 11.79 5.36
CA ARG A 22 -10.18 13.05 5.03
C ARG A 22 -9.17 14.20 5.07
N THR A 23 -9.53 15.31 4.44
CA THR A 23 -8.66 16.49 4.41
C THR A 23 -9.36 17.66 3.72
N GLU A 24 -10.63 17.85 4.03
CA GLU A 24 -11.39 18.94 3.43
C GLU A 24 -11.48 18.76 1.91
N SER A 25 -11.16 19.81 1.17
CA SER A 25 -11.20 19.75 -0.29
C SER A 25 -10.20 20.74 -0.89
N ILE A 1 -11.65 -2.50 -14.90
CA ILE A 1 -13.01 -2.76 -15.45
C ILE A 1 -14.06 -2.49 -14.38
N GLY A 2 -13.73 -2.85 -13.15
CA GLY A 2 -14.66 -2.65 -12.03
C GLY A 2 -14.07 -3.18 -10.74
N LYS A 3 -13.48 -2.28 -9.94
CA LYS A 3 -12.87 -2.66 -8.68
C LYS A 3 -11.79 -3.71 -8.90
N GLU A 4 -10.80 -3.72 -8.01
CA GLU A 4 -9.70 -4.67 -8.11
C GLU A 4 -9.13 -4.98 -6.72
N PHE A 5 -9.41 -6.17 -6.23
CA PHE A 5 -8.93 -6.57 -4.91
C PHE A 5 -7.43 -6.87 -4.95
N LYS A 6 -6.96 -7.34 -6.09
CA LYS A 6 -5.55 -7.68 -6.22
C LYS A 6 -4.68 -6.42 -6.15
N ARG A 7 -5.24 -5.30 -6.59
CA ARG A 7 -4.51 -4.04 -6.58
C ARG A 7 -4.22 -3.56 -5.16
N ILE A 8 -5.24 -3.54 -4.32
CA ILE A 8 -5.09 -3.10 -2.94
C ILE A 8 -4.06 -3.96 -2.20
N VAL A 9 -3.97 -5.23 -2.58
CA VAL A 9 -3.02 -6.14 -1.93
C VAL A 9 -1.58 -5.72 -2.22
N GLN A 10 -1.28 -5.47 -3.48
CA GLN A 10 0.07 -5.07 -3.87
C GLN A 10 0.40 -3.71 -3.29
N ARG A 11 -0.63 -2.94 -2.95
CA ARG A 11 -0.44 -1.61 -2.37
C ARG A 11 0.01 -1.69 -0.92
N ILE A 12 -0.53 -2.64 -0.17
CA ILE A 12 -0.16 -2.77 1.23
C ILE A 12 1.26 -3.33 1.38
N LYS A 13 1.71 -4.12 0.41
CA LYS A 13 3.06 -4.70 0.49
C LYS A 13 4.12 -3.58 0.48
N ASP A 14 4.02 -2.68 -0.49
CA ASP A 14 4.95 -1.56 -0.58
C ASP A 14 4.71 -0.61 0.58
N PHE A 15 3.51 -0.70 1.11
CA PHE A 15 3.06 0.12 2.23
C PHE A 15 4.04 0.07 3.37
N LEU A 16 4.39 -1.14 3.79
CA LEU A 16 5.31 -1.30 4.90
C LEU A 16 6.62 -0.58 4.61
N ARG A 17 7.10 -0.70 3.38
CA ARG A 17 8.35 -0.06 2.99
C ARG A 17 8.15 1.45 2.85
N ASN A 18 6.92 1.86 2.56
CA ASN A 18 6.61 3.28 2.40
C ASN A 18 6.31 3.93 3.75
N LEU A 19 5.56 3.23 4.59
CA LEU A 19 5.21 3.76 5.91
C LEU A 19 6.46 3.98 6.75
N VAL A 20 6.30 4.73 7.84
CA VAL A 20 7.43 5.02 8.72
C VAL A 20 8.62 5.53 7.90
N PRO A 21 8.46 6.65 7.26
CA PRO A 21 9.54 7.25 6.43
C PRO A 21 10.58 7.99 7.28
N ARG A 22 10.15 9.07 7.92
CA ARG A 22 11.04 9.87 8.75
C ARG A 22 11.12 9.28 10.17
N THR A 23 11.42 10.13 11.14
CA THR A 23 11.50 9.68 12.53
C THR A 23 10.11 9.52 13.14
N GLU A 24 9.74 10.46 13.99
CA GLU A 24 8.43 10.42 14.63
C GLU A 24 7.49 11.43 13.99
N SER A 25 7.65 12.70 14.34
CA SER A 25 6.81 13.75 13.78
C SER A 25 7.21 14.07 12.36
N ILE A 1 4.35 -5.99 -19.73
CA ILE A 1 3.77 -7.31 -19.36
C ILE A 1 2.35 -7.11 -18.86
N GLY A 2 2.03 -7.70 -17.71
CA GLY A 2 0.70 -7.57 -17.14
C GLY A 2 0.63 -8.23 -15.76
N LYS A 3 -0.26 -7.72 -14.91
CA LYS A 3 -0.41 -8.27 -13.56
C LYS A 3 -1.65 -7.68 -12.89
N GLU A 4 -2.24 -8.46 -11.98
CA GLU A 4 -3.44 -8.00 -11.26
C GLU A 4 -3.32 -8.30 -9.77
N PHE A 5 -2.41 -9.20 -9.42
CA PHE A 5 -2.22 -9.55 -8.01
C PHE A 5 -1.49 -8.45 -7.27
N LYS A 6 -0.51 -7.84 -7.94
CA LYS A 6 0.27 -6.78 -7.33
C LYS A 6 -0.65 -5.70 -6.76
N ARG A 7 -1.80 -5.52 -7.39
CA ARG A 7 -2.76 -4.52 -6.93
C ARG A 7 -3.13 -4.74 -5.47
N ILE A 8 -3.20 -6.01 -5.07
CA ILE A 8 -3.54 -6.34 -3.69
C ILE A 8 -2.40 -5.97 -2.74
N VAL A 9 -1.18 -6.04 -3.24
CA VAL A 9 -0.01 -5.69 -2.44
C VAL A 9 0.15 -4.18 -2.36
N GLN A 10 -0.11 -3.51 -3.47
CA GLN A 10 0.02 -2.05 -3.51
C GLN A 10 -1.03 -1.41 -2.59
N ARG A 11 -2.07 -2.17 -2.29
CA ARG A 11 -3.13 -1.67 -1.41
C ARG A 11 -2.66 -1.62 0.04
N ILE A 12 -1.84 -2.59 0.44
CA ILE A 12 -1.35 -2.61 1.81
C ILE A 12 -0.16 -1.66 2.00
N LYS A 13 0.58 -1.40 0.93
CA LYS A 13 1.72 -0.49 1.03
C LYS A 13 1.24 0.93 1.34
N ASP A 14 0.26 1.40 0.58
CA ASP A 14 -0.28 2.74 0.81
C ASP A 14 -1.06 2.73 2.12
N PHE A 15 -1.45 1.53 2.51
CA PHE A 15 -2.20 1.30 3.74
C PHE A 15 -1.54 1.97 4.94
N LEU A 16 -0.26 1.69 5.11
CA LEU A 16 0.46 2.26 6.24
C LEU A 16 0.58 3.77 6.11
N ARG A 17 0.65 4.24 4.87
CA ARG A 17 0.75 5.67 4.61
C ARG A 17 -0.57 6.37 4.90
N ASN A 18 -1.68 5.62 4.79
CA ASN A 18 -3.00 6.17 5.03
C ASN A 18 -3.44 5.91 6.47
N LEU A 19 -3.09 4.74 7.00
CA LEU A 19 -3.46 4.38 8.36
C LEU A 19 -2.71 5.25 9.36
N VAL A 20 -1.95 6.20 8.86
CA VAL A 20 -1.19 7.10 9.72
C VAL A 20 -0.35 6.29 10.72
N PRO A 21 0.93 6.15 10.49
CA PRO A 21 1.82 5.38 11.40
C PRO A 21 2.23 6.19 12.63
N ARG A 22 3.37 6.86 12.54
CA ARG A 22 3.85 7.66 13.65
C ARG A 22 5.07 8.49 13.25
N THR A 23 5.27 9.61 13.92
CA THR A 23 6.39 10.48 13.63
C THR A 23 6.66 10.54 12.13
N GLU A 24 5.95 11.43 11.44
CA GLU A 24 6.12 11.58 10.00
C GLU A 24 7.59 11.49 9.61
N SER A 25 7.95 10.42 8.90
CA SER A 25 9.32 10.22 8.47
C SER A 25 9.38 9.24 7.31
N ILE A 1 13.16 -19.69 2.35
CA ILE A 1 14.36 -18.91 1.94
C ILE A 1 14.01 -18.02 0.76
N GLY A 2 12.74 -17.63 0.67
CA GLY A 2 12.27 -16.79 -0.42
C GLY A 2 12.18 -15.33 0.03
N LYS A 3 11.11 -15.00 0.73
CA LYS A 3 10.92 -13.64 1.22
C LYS A 3 10.67 -12.69 0.04
N GLU A 4 11.16 -11.45 0.19
CA GLU A 4 10.99 -10.45 -0.87
C GLU A 4 9.53 -10.05 -1.02
N PHE A 5 8.64 -11.03 -0.89
CA PHE A 5 7.21 -10.78 -1.01
C PHE A 5 6.75 -9.79 0.06
N LYS A 6 7.42 -9.78 1.20
CA LYS A 6 7.05 -8.90 2.28
C LYS A 6 6.95 -7.46 1.80
N ARG A 7 7.76 -7.11 0.79
CA ARG A 7 7.74 -5.76 0.25
C ARG A 7 6.50 -5.54 -0.60
N ILE A 8 6.02 -6.61 -1.24
CA ILE A 8 4.84 -6.52 -2.09
C ILE A 8 3.63 -6.09 -1.27
N VAL A 9 3.61 -6.46 0.01
CA VAL A 9 2.51 -6.12 0.90
C VAL A 9 2.58 -4.65 1.30
N GLN A 10 3.79 -4.17 1.56
CA GLN A 10 3.98 -2.77 1.96
C GLN A 10 3.40 -1.84 0.91
N ARG A 11 3.25 -2.34 -0.32
CA ARG A 11 2.72 -1.54 -1.41
C ARG A 11 1.21 -1.34 -1.26
N ILE A 12 0.50 -2.41 -0.89
CA ILE A 12 -0.94 -2.31 -0.72
C ILE A 12 -1.30 -1.56 0.56
N LYS A 13 -0.43 -1.62 1.56
CA LYS A 13 -0.70 -0.93 2.82
C LYS A 13 -0.74 0.59 2.59
N ASP A 14 0.28 1.10 1.92
CA ASP A 14 0.34 2.53 1.61
C ASP A 14 -0.75 2.85 0.59
N PHE A 15 -1.16 1.82 -0.12
CA PHE A 15 -2.19 1.92 -1.14
C PHE A 15 -3.44 2.60 -0.61
N LEU A 16 -3.94 2.10 0.51
CA LEU A 16 -5.15 2.66 1.08
C LEU A 16 -4.95 4.12 1.50
N ARG A 17 -3.70 4.48 1.80
CA ARG A 17 -3.40 5.84 2.23
C ARG A 17 -3.56 6.83 1.08
N ASN A 18 -3.03 6.48 -0.09
CA ASN A 18 -3.11 7.37 -1.24
C ASN A 18 -4.46 7.23 -1.96
N LEU A 19 -5.12 6.09 -1.78
CA LEU A 19 -6.40 5.84 -2.42
C LEU A 19 -7.49 6.68 -1.73
N VAL A 20 -7.08 7.80 -1.15
CA VAL A 20 -8.02 8.70 -0.46
C VAL A 20 -8.22 9.97 -1.28
N PRO A 21 -9.30 10.08 -2.01
CA PRO A 21 -9.59 11.28 -2.84
C PRO A 21 -10.17 12.42 -2.02
N ARG A 22 -11.31 12.19 -1.39
CA ARG A 22 -11.95 13.21 -0.57
C ARG A 22 -12.02 14.52 -1.35
N THR A 23 -12.15 14.43 -2.67
CA THR A 23 -12.23 15.60 -3.51
C THR A 23 -13.47 16.44 -3.18
N GLU A 24 -14.63 15.79 -3.23
CA GLU A 24 -15.88 16.48 -2.94
C GLU A 24 -16.09 17.65 -3.89
N SER A 25 -16.87 17.42 -4.95
CA SER A 25 -17.13 18.46 -5.92
C SER A 25 -15.83 19.14 -6.36
N ILE A 1 14.07 -2.75 -9.83
CA ILE A 1 13.82 -3.26 -8.45
C ILE A 1 13.20 -4.64 -8.53
N GLY A 2 13.35 -5.42 -7.46
CA GLY A 2 12.80 -6.76 -7.42
C GLY A 2 11.31 -6.72 -7.08
N LYS A 3 10.73 -7.90 -6.84
CA LYS A 3 9.32 -8.00 -6.50
C LYS A 3 9.10 -9.07 -5.43
N GLU A 4 8.30 -10.08 -5.77
CA GLU A 4 8.02 -11.16 -4.84
C GLU A 4 7.48 -10.61 -3.51
N PHE A 5 8.39 -10.29 -2.60
CA PHE A 5 8.00 -9.75 -1.30
C PHE A 5 7.52 -8.31 -1.42
N LYS A 6 8.24 -7.51 -2.19
CA LYS A 6 7.87 -6.11 -2.36
C LYS A 6 6.41 -6.00 -2.78
N ARG A 7 5.93 -7.01 -3.49
CA ARG A 7 4.54 -7.01 -3.95
C ARG A 7 3.58 -7.02 -2.76
N ILE A 8 3.90 -7.82 -1.75
CA ILE A 8 3.06 -7.92 -0.56
C ILE A 8 2.91 -6.57 0.13
N VAL A 9 3.94 -5.72 0.01
CA VAL A 9 3.90 -4.41 0.64
C VAL A 9 2.95 -3.47 -0.12
N GLN A 10 3.00 -3.53 -1.45
CA GLN A 10 2.13 -2.68 -2.26
C GLN A 10 0.67 -2.94 -1.92
N ARG A 11 0.39 -4.09 -1.33
CA ARG A 11 -0.97 -4.44 -0.95
C ARG A 11 -1.43 -3.66 0.26
N ILE A 12 -0.54 -3.44 1.22
CA ILE A 12 -0.90 -2.70 2.42
C ILE A 12 -0.88 -1.19 2.17
N LYS A 13 -0.06 -0.73 1.23
CA LYS A 13 0.01 0.70 0.93
C LYS A 13 -1.33 1.23 0.44
N ASP A 14 -1.91 0.55 -0.54
CA ASP A 14 -3.21 0.97 -1.07
C ASP A 14 -4.29 0.68 -0.03
N PHE A 15 -3.94 -0.25 0.85
CA PHE A 15 -4.81 -0.67 1.94
C PHE A 15 -5.31 0.52 2.75
N LEU A 16 -4.39 1.37 3.16
CA LEU A 16 -4.75 2.53 3.96
C LEU A 16 -5.62 3.48 3.15
N ARG A 17 -5.45 3.47 1.84
CA ARG A 17 -6.23 4.35 0.97
C ARG A 17 -7.70 3.93 0.99
N ASN A 18 -7.94 2.63 1.06
CA ASN A 18 -9.30 2.11 1.08
C ASN A 18 -9.83 2.02 2.51
N LEU A 19 -8.95 1.64 3.43
CA LEU A 19 -9.34 1.52 4.83
C LEU A 19 -9.41 2.90 5.48
N VAL A 20 -8.34 3.68 5.32
CA VAL A 20 -8.28 5.02 5.90
C VAL A 20 -8.19 6.07 4.80
N PRO A 21 -9.32 6.53 4.30
CA PRO A 21 -9.36 7.56 3.23
C PRO A 21 -8.42 8.74 3.51
N ARG A 22 -8.06 8.90 4.78
CA ARG A 22 -7.17 9.99 5.18
C ARG A 22 -5.72 9.65 4.80
N THR A 23 -5.02 10.61 4.21
CA THR A 23 -3.64 10.41 3.80
C THR A 23 -2.85 11.71 3.91
N GLU A 24 -2.38 12.01 5.11
CA GLU A 24 -1.61 13.23 5.34
C GLU A 24 -0.14 13.01 4.98
N SER A 25 0.35 13.78 4.01
CA SER A 25 1.74 13.65 3.58
C SER A 25 2.04 12.23 3.13
N ILE A 1 -5.18 -9.87 9.32
CA ILE A 1 -4.49 -10.88 10.17
C ILE A 1 -4.15 -12.11 9.33
N GLY A 2 -4.87 -12.28 8.22
CA GLY A 2 -4.63 -13.41 7.33
C GLY A 2 -5.22 -13.16 5.95
N LYS A 3 -4.52 -13.61 4.92
CA LYS A 3 -4.98 -13.43 3.55
C LYS A 3 -5.69 -12.09 3.38
N GLU A 4 -7.01 -12.09 3.56
CA GLU A 4 -7.79 -10.87 3.43
C GLU A 4 -7.40 -10.11 2.16
N PHE A 5 -8.18 -10.29 1.11
CA PHE A 5 -7.92 -9.62 -0.16
C PHE A 5 -7.88 -8.11 0.03
N LYS A 6 -8.64 -7.62 1.01
CA LYS A 6 -8.69 -6.19 1.27
C LYS A 6 -7.33 -5.65 1.70
N ARG A 7 -6.53 -6.50 2.34
CA ARG A 7 -5.22 -6.08 2.81
C ARG A 7 -4.30 -5.68 1.64
N ILE A 8 -4.20 -6.55 0.65
CA ILE A 8 -3.34 -6.26 -0.50
C ILE A 8 -3.78 -4.97 -1.19
N VAL A 9 -5.08 -4.68 -1.13
CA VAL A 9 -5.59 -3.46 -1.75
C VAL A 9 -5.04 -2.23 -1.05
N GLN A 10 -5.02 -2.28 0.28
CA GLN A 10 -4.51 -1.17 1.06
C GLN A 10 -3.02 -0.96 0.80
N ARG A 11 -2.34 -2.01 0.36
CA ARG A 11 -0.92 -1.93 0.08
C ARG A 11 -0.65 -1.16 -1.22
N ILE A 12 -1.51 -1.35 -2.21
CA ILE A 12 -1.34 -0.66 -3.49
C ILE A 12 -1.75 0.81 -3.38
N LYS A 13 -2.67 1.12 -2.48
CA LYS A 13 -3.12 2.51 -2.33
C LYS A 13 -1.97 3.39 -1.82
N ASP A 14 -1.31 2.95 -0.75
CA ASP A 14 -0.19 3.69 -0.20
C ASP A 14 0.97 3.62 -1.19
N PHE A 15 0.91 2.60 -2.03
CA PHE A 15 1.92 2.35 -3.05
C PHE A 15 2.19 3.60 -3.87
N LEU A 16 1.14 4.21 -4.38
CA LEU A 16 1.30 5.40 -5.20
C LEU A 16 2.13 6.44 -4.46
N ARG A 17 1.78 6.70 -3.21
CA ARG A 17 2.50 7.69 -2.41
C ARG A 17 3.85 7.13 -1.96
N ASN A 18 3.90 5.82 -1.70
CA ASN A 18 5.14 5.19 -1.25
C ASN A 18 6.09 4.96 -2.42
N LEU A 19 5.55 4.52 -3.56
CA LEU A 19 6.38 4.26 -4.73
C LEU A 19 7.44 5.34 -4.89
N VAL A 20 7.11 6.55 -4.44
CA VAL A 20 8.04 7.68 -4.54
C VAL A 20 9.29 7.40 -3.71
N PRO A 21 10.44 7.28 -4.34
CA PRO A 21 11.72 7.01 -3.62
C PRO A 21 11.85 7.85 -2.35
N ARG A 22 11.91 7.19 -1.21
CA ARG A 22 12.05 7.89 0.07
C ARG A 22 13.51 7.94 0.52
N THR A 23 14.39 8.26 -0.42
CA THR A 23 15.81 8.34 -0.11
C THR A 23 16.10 9.48 0.85
N GLU A 24 15.50 10.65 0.58
CA GLU A 24 15.68 11.82 1.43
C GLU A 24 14.63 11.83 2.55
N SER A 25 15.02 12.36 3.71
CA SER A 25 14.10 12.43 4.83
C SER A 25 13.08 13.55 4.63
N ILE A 1 13.06 -6.05 6.31
CA ILE A 1 14.47 -6.46 6.01
C ILE A 1 14.65 -7.93 6.37
N GLY A 2 13.60 -8.55 6.88
CA GLY A 2 13.66 -9.95 7.27
C GLY A 2 12.36 -10.67 6.92
N LYS A 3 11.28 -10.27 7.59
CA LYS A 3 9.97 -10.88 7.33
C LYS A 3 9.65 -10.84 5.84
N GLU A 4 8.55 -11.48 5.47
CA GLU A 4 8.13 -11.52 4.06
C GLU A 4 6.67 -11.10 3.94
N PHE A 5 6.01 -10.87 5.07
CA PHE A 5 4.61 -10.47 5.07
C PHE A 5 4.48 -9.01 4.66
N LYS A 6 5.46 -8.20 5.02
CA LYS A 6 5.42 -6.78 4.70
C LYS A 6 5.19 -6.58 3.19
N ARG A 7 5.64 -7.53 2.40
CA ARG A 7 5.48 -7.46 0.95
C ARG A 7 4.01 -7.31 0.58
N ILE A 8 3.17 -8.15 1.17
CA ILE A 8 1.73 -8.12 0.89
C ILE A 8 1.14 -6.74 1.23
N VAL A 9 1.72 -6.09 2.22
CA VAL A 9 1.23 -4.77 2.64
C VAL A 9 1.57 -3.71 1.57
N GLN A 10 2.73 -3.84 0.97
CA GLN A 10 3.16 -2.89 -0.06
C GLN A 10 2.16 -2.87 -1.22
N ARG A 11 1.39 -3.95 -1.35
CA ARG A 11 0.41 -4.06 -2.42
C ARG A 11 -0.81 -3.18 -2.16
N ILE A 12 -1.25 -3.12 -0.90
CA ILE A 12 -2.42 -2.32 -0.56
C ILE A 12 -2.08 -0.83 -0.48
N LYS A 13 -0.84 -0.50 -0.15
CA LYS A 13 -0.46 0.91 -0.06
C LYS A 13 -0.56 1.59 -1.42
N ASP A 14 0.03 0.98 -2.44
CA ASP A 14 -0.04 1.53 -3.79
C ASP A 14 -1.48 1.43 -4.30
N PHE A 15 -2.20 0.50 -3.68
CA PHE A 15 -3.59 0.23 -4.02
C PHE A 15 -4.42 1.51 -4.03
N LEU A 16 -4.33 2.26 -2.94
CA LEU A 16 -5.11 3.49 -2.84
C LEU A 16 -4.82 4.41 -4.01
N ARG A 17 -3.55 4.50 -4.39
CA ARG A 17 -3.15 5.36 -5.50
C ARG A 17 -3.76 4.86 -6.81
N ASN A 18 -4.05 3.57 -6.86
CA ASN A 18 -4.64 2.99 -8.06
C ASN A 18 -6.16 3.19 -8.09
N LEU A 19 -6.77 3.19 -6.90
CA LEU A 19 -8.21 3.38 -6.81
C LEU A 19 -8.55 4.41 -5.73
N VAL A 20 -9.42 5.35 -6.07
CA VAL A 20 -9.82 6.39 -5.13
C VAL A 20 -8.61 6.92 -4.35
N PRO A 21 -7.81 7.74 -4.98
CA PRO A 21 -6.60 8.31 -4.35
C PRO A 21 -6.93 9.49 -3.42
N ARG A 22 -7.33 9.17 -2.19
CA ARG A 22 -7.67 10.20 -1.22
C ARG A 22 -8.65 11.20 -1.82
N THR A 23 -9.08 12.16 -1.00
CA THR A 23 -10.02 13.18 -1.47
C THR A 23 -9.27 14.46 -1.84
N GLU A 24 -8.62 15.07 -0.85
CA GLU A 24 -7.88 16.30 -1.09
C GLU A 24 -6.80 16.07 -2.14
N SER A 25 -6.28 17.17 -2.69
CA SER A 25 -5.24 17.09 -3.71
C SER A 25 -3.89 16.81 -3.06
N ILE A 1 11.92 -13.75 -2.27
CA ILE A 1 12.79 -14.89 -1.86
C ILE A 1 12.03 -15.78 -0.88
N GLY A 2 11.83 -17.04 -1.26
CA GLY A 2 11.11 -17.98 -0.41
C GLY A 2 9.93 -17.30 0.27
N LYS A 3 10.09 -16.97 1.56
CA LYS A 3 9.03 -16.31 2.32
C LYS A 3 9.16 -14.80 2.19
N GLU A 4 8.23 -14.19 1.45
CA GLU A 4 8.25 -12.75 1.25
C GLU A 4 6.84 -12.19 1.31
N PHE A 5 6.11 -12.52 2.37
CA PHE A 5 4.74 -12.05 2.53
C PHE A 5 4.72 -10.52 2.53
N LYS A 6 5.81 -9.92 2.99
CA LYS A 6 5.89 -8.47 3.05
C LYS A 6 5.67 -7.84 1.68
N ARG A 7 6.01 -8.58 0.63
CA ARG A 7 5.88 -8.06 -0.74
C ARG A 7 4.45 -7.59 -1.02
N ILE A 8 3.47 -8.44 -0.73
CA ILE A 8 2.07 -8.08 -0.98
C ILE A 8 1.67 -6.88 -0.12
N VAL A 9 2.28 -6.77 1.05
CA VAL A 9 1.96 -5.66 1.95
C VAL A 9 2.44 -4.33 1.35
N GLN A 10 3.58 -4.37 0.68
CA GLN A 10 4.14 -3.17 0.07
C GLN A 10 3.16 -2.57 -0.93
N ARG A 11 2.31 -3.42 -1.52
CA ARG A 11 1.33 -2.95 -2.50
C ARG A 11 0.23 -2.15 -1.84
N ILE A 12 -0.18 -2.57 -0.64
CA ILE A 12 -1.24 -1.86 0.07
C ILE A 12 -0.70 -0.63 0.80
N LYS A 13 0.57 -0.65 1.19
CA LYS A 13 1.15 0.50 1.89
C LYS A 13 1.14 1.74 0.99
N ASP A 14 1.65 1.60 -0.23
CA ASP A 14 1.67 2.72 -1.18
C ASP A 14 0.25 3.02 -1.60
N PHE A 15 -0.60 2.02 -1.45
CA PHE A 15 -2.02 2.11 -1.79
C PHE A 15 -2.66 3.32 -1.17
N LEU A 16 -2.48 3.48 0.14
CA LEU A 16 -3.08 4.60 0.84
C LEU A 16 -2.56 5.92 0.29
N ARG A 17 -1.26 5.98 0.03
CA ARG A 17 -0.65 7.20 -0.50
C ARG A 17 -1.29 7.59 -1.83
N ASN A 18 -1.61 6.59 -2.66
CA ASN A 18 -2.23 6.86 -3.95
C ASN A 18 -3.73 7.09 -3.79
N LEU A 19 -4.36 6.29 -2.94
CA LEU A 19 -5.80 6.41 -2.71
C LEU A 19 -6.13 7.78 -2.12
N VAL A 20 -6.19 7.85 -0.79
CA VAL A 20 -6.49 9.10 -0.09
C VAL A 20 -7.34 10.03 -0.96
N PRO A 21 -8.60 9.74 -1.12
CA PRO A 21 -9.52 10.57 -1.94
C PRO A 21 -9.85 11.89 -1.27
N ARG A 22 -9.81 12.98 -2.03
CA ARG A 22 -10.11 14.31 -1.51
C ARG A 22 -11.28 14.25 -0.52
N THR A 23 -11.17 15.03 0.55
CA THR A 23 -12.22 15.06 1.56
C THR A 23 -12.13 16.34 2.39
N GLU A 24 -12.35 17.48 1.73
CA GLU A 24 -12.30 18.76 2.41
C GLU A 24 -13.10 19.80 1.65
N SER A 25 -14.11 20.37 2.30
CA SER A 25 -14.95 21.38 1.67
C SER A 25 -15.45 20.89 0.31
N ILE A 1 10.51 -18.22 -1.99
CA ILE A 1 11.10 -17.56 -0.79
C ILE A 1 12.37 -16.83 -1.19
N GLY A 2 12.20 -15.67 -1.82
CA GLY A 2 13.34 -14.87 -2.26
C GLY A 2 12.97 -13.40 -2.37
N LYS A 3 12.71 -12.77 -1.23
CA LYS A 3 12.34 -11.36 -1.20
C LYS A 3 11.32 -11.04 -2.29
N GLU A 4 11.34 -9.80 -2.76
CA GLU A 4 10.42 -9.37 -3.82
C GLU A 4 8.99 -9.26 -3.27
N PHE A 5 8.66 -10.12 -2.31
CA PHE A 5 7.33 -10.10 -1.72
C PHE A 5 7.15 -8.89 -0.80
N LYS A 6 8.21 -8.56 -0.07
CA LYS A 6 8.14 -7.45 0.87
C LYS A 6 7.65 -6.19 0.16
N ARG A 7 7.92 -6.10 -1.14
CA ARG A 7 7.49 -4.94 -1.92
C ARG A 7 5.97 -4.86 -1.97
N ILE A 8 5.33 -5.99 -2.24
CA ILE A 8 3.87 -6.03 -2.34
C ILE A 8 3.24 -5.59 -1.02
N VAL A 9 3.93 -5.83 0.09
CA VAL A 9 3.41 -5.44 1.40
C VAL A 9 3.28 -3.93 1.48
N GLN A 10 4.23 -3.22 0.87
CA GLN A 10 4.20 -1.76 0.88
C GLN A 10 3.04 -1.25 0.02
N ARG A 11 2.59 -2.11 -0.89
CA ARG A 11 1.48 -1.76 -1.78
C ARG A 11 0.16 -1.73 -1.02
N ILE A 12 -0.01 -2.67 -0.09
CA ILE A 12 -1.23 -2.72 0.69
C ILE A 12 -1.24 -1.64 1.77
N LYS A 13 -0.06 -1.24 2.24
CA LYS A 13 0.01 -0.20 3.26
C LYS A 13 -0.50 1.14 2.71
N ASP A 14 0.03 1.52 1.54
CA ASP A 14 -0.39 2.76 0.90
C ASP A 14 -1.84 2.61 0.44
N PHE A 15 -2.23 1.36 0.28
CA PHE A 15 -3.57 0.98 -0.15
C PHE A 15 -4.64 1.66 0.69
N LEU A 16 -4.51 1.55 2.00
CA LEU A 16 -5.50 2.12 2.89
C LEU A 16 -5.61 3.64 2.68
N ARG A 17 -4.47 4.28 2.46
CA ARG A 17 -4.46 5.73 2.25
C ARG A 17 -5.18 6.09 0.95
N ASN A 18 -5.04 5.24 -0.06
CA ASN A 18 -5.68 5.48 -1.35
C ASN A 18 -7.13 5.01 -1.32
N LEU A 19 -7.39 3.95 -0.56
CA LEU A 19 -8.74 3.40 -0.44
C LEU A 19 -9.50 4.08 0.70
N VAL A 20 -9.93 5.32 0.47
CA VAL A 20 -10.66 6.07 1.48
C VAL A 20 -11.60 7.09 0.82
N PRO A 21 -12.63 7.50 1.52
CA PRO A 21 -13.62 8.48 0.99
C PRO A 21 -13.04 9.89 0.85
N ARG A 22 -12.30 10.11 -0.24
CA ARG A 22 -11.69 11.41 -0.49
C ARG A 22 -11.12 12.00 0.79
N THR A 23 -9.81 11.87 0.98
CA THR A 23 -9.16 12.41 2.17
C THR A 23 -9.00 13.92 2.05
N GLU A 24 -10.02 14.58 1.50
CA GLU A 24 -9.98 16.03 1.33
C GLU A 24 -9.36 16.70 2.55
N SER A 25 -8.35 17.53 2.31
CA SER A 25 -7.67 18.24 3.40
C SER A 25 -6.73 19.29 2.85
N ILE A 1 11.30 -11.93 14.49
CA ILE A 1 10.13 -11.58 13.63
C ILE A 1 9.64 -12.83 12.93
N GLY A 2 8.31 -12.98 12.85
CA GLY A 2 7.72 -14.14 12.19
C GLY A 2 7.24 -13.77 10.79
N LYS A 3 7.43 -12.51 10.41
CA LYS A 3 7.01 -12.05 9.09
C LYS A 3 7.71 -10.74 8.73
N GLU A 4 8.33 -10.70 7.56
CA GLU A 4 9.03 -9.50 7.12
C GLU A 4 8.13 -8.28 7.22
N PHE A 5 8.67 -7.19 7.74
CA PHE A 5 7.90 -5.95 7.88
C PHE A 5 7.64 -5.33 6.52
N LYS A 6 8.62 -5.39 5.64
CA LYS A 6 8.48 -4.82 4.31
C LYS A 6 7.24 -5.36 3.62
N ARG A 7 6.85 -6.57 3.99
CA ARG A 7 5.69 -7.22 3.38
C ARG A 7 4.43 -6.34 3.51
N ILE A 8 4.16 -5.86 4.72
CA ILE A 8 2.97 -5.02 4.93
C ILE A 8 3.11 -3.69 4.18
N VAL A 9 4.34 -3.23 4.03
CA VAL A 9 4.59 -1.97 3.33
C VAL A 9 4.20 -2.09 1.86
N GLN A 10 4.56 -3.23 1.26
CA GLN A 10 4.24 -3.46 -0.14
C GLN A 10 2.73 -3.62 -0.33
N ARG A 11 2.05 -3.98 0.75
CA ARG A 11 0.60 -4.17 0.69
C ARG A 11 -0.13 -2.82 0.62
N ILE A 12 0.38 -1.83 1.35
CA ILE A 12 -0.24 -0.52 1.34
C ILE A 12 0.04 0.23 0.04
N LYS A 13 1.16 -0.07 -0.60
CA LYS A 13 1.50 0.61 -1.85
C LYS A 13 0.50 0.20 -2.95
N ASP A 14 0.29 -1.10 -3.11
CA ASP A 14 -0.66 -1.60 -4.11
C ASP A 14 -2.06 -1.21 -3.68
N PHE A 15 -2.18 -0.95 -2.39
CA PHE A 15 -3.44 -0.56 -1.77
C PHE A 15 -4.10 0.59 -2.52
N LEU A 16 -3.34 1.65 -2.73
CA LEU A 16 -3.88 2.82 -3.41
C LEU A 16 -4.51 2.42 -4.73
N ARG A 17 -3.96 1.39 -5.37
CA ARG A 17 -4.49 0.93 -6.64
C ARG A 17 -5.81 0.20 -6.43
N ASN A 18 -6.01 -0.33 -5.23
CA ASN A 18 -7.23 -1.05 -4.91
C ASN A 18 -8.34 -0.09 -4.48
N LEU A 19 -7.98 0.91 -3.67
CA LEU A 19 -8.96 1.88 -3.20
C LEU A 19 -9.55 2.66 -4.37
N VAL A 20 -9.52 3.99 -4.27
CA VAL A 20 -10.06 4.84 -5.33
C VAL A 20 -9.24 6.12 -5.46
N PRO A 21 -8.10 6.06 -6.10
CA PRO A 21 -7.22 7.24 -6.30
C PRO A 21 -7.98 8.44 -6.85
N ARG A 22 -7.29 9.57 -6.95
CA ARG A 22 -7.90 10.78 -7.48
C ARG A 22 -6.86 11.88 -7.65
N THR A 23 -7.01 12.67 -8.71
CA THR A 23 -6.07 13.75 -8.99
C THR A 23 -6.32 14.93 -8.05
N GLU A 24 -6.91 15.99 -8.59
CA GLU A 24 -7.20 17.18 -7.79
C GLU A 24 -6.04 17.50 -6.85
N SER A 25 -4.86 17.67 -7.41
CA SER A 25 -3.67 17.99 -6.62
C SER A 25 -3.79 19.38 -6.01
N ILE A 1 7.52 -15.63 -14.28
CA ILE A 1 7.83 -16.69 -13.27
C ILE A 1 8.60 -16.06 -12.11
N GLY A 2 8.14 -16.33 -10.89
CA GLY A 2 8.79 -15.79 -9.69
C GLY A 2 7.78 -15.43 -8.63
N LYS A 3 8.26 -15.20 -7.41
CA LYS A 3 7.38 -14.85 -6.30
C LYS A 3 6.87 -13.42 -6.44
N GLU A 4 5.95 -13.04 -5.57
CA GLU A 4 5.39 -11.69 -5.60
C GLU A 4 5.27 -11.13 -4.20
N PHE A 5 6.39 -11.11 -3.48
CA PHE A 5 6.41 -10.59 -2.11
C PHE A 5 6.31 -9.07 -2.11
N LYS A 6 6.91 -8.43 -3.11
CA LYS A 6 6.90 -6.98 -3.18
C LYS A 6 5.45 -6.47 -3.32
N ARG A 7 4.61 -7.28 -3.95
CA ARG A 7 3.21 -6.89 -4.17
C ARG A 7 2.48 -6.66 -2.85
N ILE A 8 2.58 -7.61 -1.94
CA ILE A 8 1.90 -7.48 -0.65
C ILE A 8 2.38 -6.24 0.10
N VAL A 9 3.63 -5.86 -0.10
CA VAL A 9 4.18 -4.69 0.56
C VAL A 9 3.68 -3.41 -0.11
N GLN A 10 3.52 -3.48 -1.43
CA GLN A 10 3.04 -2.32 -2.18
C GLN A 10 1.59 -2.00 -1.81
N ARG A 11 0.87 -3.01 -1.34
CA ARG A 11 -0.51 -2.83 -0.94
C ARG A 11 -0.59 -2.10 0.40
N ILE A 12 0.16 -2.59 1.38
CA ILE A 12 0.16 -1.98 2.70
C ILE A 12 0.77 -0.58 2.66
N LYS A 13 1.66 -0.32 1.72
CA LYS A 13 2.29 0.99 1.62
C LYS A 13 1.26 2.06 1.23
N ASP A 14 0.50 1.80 0.17
CA ASP A 14 -0.54 2.72 -0.26
C ASP A 14 -1.65 2.74 0.78
N PHE A 15 -1.68 1.66 1.54
CA PHE A 15 -2.67 1.47 2.60
C PHE A 15 -2.73 2.68 3.53
N LEU A 16 -1.59 3.11 4.03
CA LEU A 16 -1.56 4.23 4.94
C LEU A 16 -2.15 5.47 4.29
N ARG A 17 -1.94 5.61 2.98
CA ARG A 17 -2.45 6.76 2.24
C ARG A 17 -3.97 6.65 2.06
N ASN A 18 -4.43 5.44 1.79
CA ASN A 18 -5.86 5.22 1.58
C ASN A 18 -6.61 5.24 2.92
N LEU A 19 -6.02 4.63 3.94
CA LEU A 19 -6.64 4.58 5.25
C LEU A 19 -7.08 5.98 5.69
N VAL A 20 -6.15 6.93 5.63
CA VAL A 20 -6.46 8.30 6.02
C VAL A 20 -7.43 8.93 5.02
N PRO A 21 -8.49 9.56 5.49
CA PRO A 21 -9.50 10.20 4.60
C PRO A 21 -8.96 11.47 3.94
N ARG A 22 -9.27 12.62 4.55
CA ARG A 22 -8.81 13.90 4.02
C ARG A 22 -8.58 14.90 5.15
N THR A 23 -8.12 14.40 6.30
CA THR A 23 -7.86 15.25 7.44
C THR A 23 -6.45 15.82 7.39
N GLU A 24 -5.63 15.25 6.51
CA GLU A 24 -4.25 15.69 6.36
C GLU A 24 -3.59 15.01 5.17
N SER A 25 -2.27 15.14 5.08
CA SER A 25 -1.52 14.53 3.98
C SER A 25 -2.11 14.94 2.64
N ILE A 1 -4.78 -21.60 -6.95
CA ILE A 1 -4.60 -20.16 -7.31
C ILE A 1 -4.30 -19.36 -6.05
N GLY A 2 -3.75 -18.16 -6.24
CA GLY A 2 -3.41 -17.30 -5.11
C GLY A 2 -3.53 -15.83 -5.48
N LYS A 3 -4.13 -15.57 -6.64
CA LYS A 3 -4.30 -14.19 -7.10
C LYS A 3 -5.38 -13.49 -6.28
N GLU A 4 -4.97 -12.91 -5.16
CA GLU A 4 -5.91 -12.19 -4.30
C GLU A 4 -5.17 -11.56 -3.12
N PHE A 5 -4.29 -12.33 -2.49
CA PHE A 5 -3.53 -11.84 -1.35
C PHE A 5 -2.44 -10.87 -1.82
N LYS A 6 -1.73 -11.24 -2.87
CA LYS A 6 -0.65 -10.40 -3.38
C LYS A 6 -1.17 -8.99 -3.65
N ARG A 7 -2.45 -8.88 -3.98
CA ARG A 7 -3.06 -7.58 -4.25
C ARG A 7 -3.13 -6.75 -2.97
N ILE A 8 -3.22 -7.43 -1.83
CA ILE A 8 -3.30 -6.74 -0.54
C ILE A 8 -1.94 -6.17 -0.16
N VAL A 9 -0.88 -6.83 -0.60
CA VAL A 9 0.48 -6.38 -0.30
C VAL A 9 0.78 -5.06 -0.99
N GLN A 10 0.37 -4.96 -2.25
CA GLN A 10 0.60 -3.74 -3.01
C GLN A 10 -0.21 -2.58 -2.44
N ARG A 11 -1.28 -2.91 -1.70
CA ARG A 11 -2.12 -1.89 -1.11
C ARG A 11 -1.45 -1.25 0.10
N ILE A 12 -0.69 -2.04 0.86
CA ILE A 12 -0.01 -1.51 2.03
C ILE A 12 1.25 -0.74 1.65
N LYS A 13 1.87 -1.09 0.53
CA LYS A 13 3.08 -0.39 0.11
C LYS A 13 2.78 1.08 -0.18
N ASP A 14 1.76 1.32 -1.00
CA ASP A 14 1.38 2.70 -1.33
C ASP A 14 0.79 3.36 -0.09
N PHE A 15 0.34 2.50 0.82
CA PHE A 15 -0.26 2.92 2.08
C PHE A 15 0.63 3.90 2.82
N LEU A 16 1.89 3.54 2.99
CA LEU A 16 2.81 4.39 3.72
C LEU A 16 2.79 5.81 3.17
N ARG A 17 2.60 5.93 1.86
CA ARG A 17 2.56 7.24 1.22
C ARG A 17 1.26 7.95 1.59
N ASN A 18 0.23 7.18 1.92
CA ASN A 18 -1.06 7.74 2.29
C ASN A 18 -1.07 8.18 3.75
N LEU A 19 -0.48 7.37 4.63
CA LEU A 19 -0.45 7.71 6.05
C LEU A 19 0.45 8.92 6.30
N VAL A 20 0.11 9.71 7.30
CA VAL A 20 0.89 10.89 7.64
C VAL A 20 2.38 10.63 7.45
N PRO A 21 2.97 11.11 6.38
CA PRO A 21 4.42 10.91 6.11
C PRO A 21 5.28 11.93 6.83
N ARG A 22 5.64 13.01 6.14
CA ARG A 22 6.46 14.05 6.74
C ARG A 22 6.54 15.26 5.81
N THR A 23 5.41 15.65 5.25
CA THR A 23 5.36 16.80 4.36
C THR A 23 6.47 16.71 3.33
N GLU A 24 6.36 15.77 2.39
CA GLU A 24 7.37 15.59 1.36
C GLU A 24 7.43 16.83 0.46
N SER A 25 6.91 16.70 -0.75
CA SER A 25 6.90 17.79 -1.70
C SER A 25 6.15 19.00 -1.13
N ILE A 1 11.86 -15.15 5.91
CA ILE A 1 10.93 -14.75 4.82
C ILE A 1 10.42 -13.33 5.08
N GLY A 2 11.28 -12.34 4.85
CA GLY A 2 10.91 -10.95 5.07
C GLY A 2 12.01 -10.20 5.81
N LYS A 3 11.89 -8.88 5.88
CA LYS A 3 12.89 -8.05 6.56
C LYS A 3 12.30 -7.46 7.83
N GLU A 4 11.06 -6.96 7.73
CA GLU A 4 10.41 -6.36 8.89
C GLU A 4 8.90 -6.26 8.64
N PHE A 5 8.14 -6.08 9.73
CA PHE A 5 6.69 -5.97 9.62
C PHE A 5 6.31 -4.89 8.62
N LYS A 6 7.11 -3.83 8.56
CA LYS A 6 6.82 -2.73 7.66
C LYS A 6 6.63 -3.24 6.23
N ARG A 7 7.29 -4.35 5.91
CA ARG A 7 7.18 -4.93 4.58
C ARG A 7 5.72 -5.20 4.23
N ILE A 8 4.94 -5.63 5.22
CA ILE A 8 3.54 -5.92 4.99
C ILE A 8 2.77 -4.64 4.70
N VAL A 9 3.19 -3.54 5.34
CA VAL A 9 2.54 -2.26 5.14
C VAL A 9 3.00 -1.62 3.84
N GLN A 10 4.28 -1.77 3.53
CA GLN A 10 4.85 -1.21 2.31
C GLN A 10 4.05 -1.68 1.11
N ARG A 11 3.42 -2.84 1.24
CA ARG A 11 2.63 -3.41 0.16
C ARG A 11 1.32 -2.66 0.02
N ILE A 12 0.66 -2.38 1.13
CA ILE A 12 -0.61 -1.68 1.10
C ILE A 12 -0.40 -0.16 0.97
N LYS A 13 0.72 0.33 1.47
CA LYS A 13 1.00 1.77 1.39
C LYS A 13 1.02 2.26 -0.06
N ASP A 14 1.77 1.58 -0.90
CA ASP A 14 1.84 1.95 -2.32
C ASP A 14 0.52 1.59 -2.99
N PHE A 15 -0.17 0.65 -2.35
CA PHE A 15 -1.45 0.16 -2.82
C PHE A 15 -2.42 1.30 -3.08
N LEU A 16 -2.57 2.17 -2.09
CA LEU A 16 -3.50 3.28 -2.22
C LEU A 16 -3.12 4.14 -3.42
N ARG A 17 -1.83 4.47 -3.52
CA ARG A 17 -1.35 5.29 -4.63
C ARG A 17 -1.63 4.61 -5.96
N ASN A 18 -1.51 3.28 -5.98
CA ASN A 18 -1.75 2.52 -7.19
C ASN A 18 -3.26 2.36 -7.43
N LEU A 19 -3.99 2.13 -6.34
CA LEU A 19 -5.43 1.98 -6.43
C LEU A 19 -6.11 3.34 -6.59
N VAL A 20 -7.36 3.33 -7.02
CA VAL A 20 -8.10 4.58 -7.21
C VAL A 20 -9.57 4.40 -6.84
N PRO A 21 -9.86 4.29 -5.57
CA PRO A 21 -11.25 4.12 -5.06
C PRO A 21 -12.18 5.23 -5.54
N ARG A 22 -11.82 6.46 -5.21
CA ARG A 22 -12.63 7.62 -5.62
C ARG A 22 -14.08 7.44 -5.17
N THR A 23 -15.00 8.05 -5.91
CA THR A 23 -16.42 7.96 -5.59
C THR A 23 -17.23 7.65 -6.84
N GLU A 24 -16.86 6.58 -7.53
CA GLU A 24 -17.55 6.18 -8.75
C GLU A 24 -17.02 4.85 -9.27
N SER A 25 -15.72 4.61 -9.04
CA SER A 25 -15.10 3.38 -9.50
C SER A 25 -15.61 2.19 -8.68
N ILE A 1 -9.77 -7.47 14.34
CA ILE A 1 -9.06 -8.67 14.88
C ILE A 1 -8.45 -9.45 13.71
N GLY A 2 -9.21 -9.58 12.63
CA GLY A 2 -8.73 -10.31 11.47
C GLY A 2 -7.63 -9.52 10.75
N LYS A 3 -6.98 -10.17 9.79
CA LYS A 3 -5.91 -9.53 9.04
C LYS A 3 -5.67 -10.25 7.71
N GLU A 4 -5.67 -11.57 7.76
CA GLU A 4 -5.46 -12.36 6.56
C GLU A 4 -4.16 -11.97 5.87
N PHE A 5 -3.69 -12.82 4.96
CA PHE A 5 -2.44 -12.56 4.25
C PHE A 5 -2.64 -11.48 3.18
N LYS A 6 -3.85 -11.41 2.64
CA LYS A 6 -4.15 -10.44 1.60
C LYS A 6 -3.76 -9.02 2.03
N ARG A 7 -3.82 -8.76 3.33
CA ARG A 7 -3.47 -7.45 3.85
C ARG A 7 -2.04 -7.07 3.47
N ILE A 8 -1.13 -8.03 3.61
CA ILE A 8 0.28 -7.76 3.28
C ILE A 8 0.42 -7.34 1.82
N VAL A 9 -0.46 -7.85 0.97
CA VAL A 9 -0.43 -7.50 -0.44
C VAL A 9 -1.05 -6.12 -0.68
N GLN A 10 -2.23 -5.91 -0.11
CA GLN A 10 -2.92 -4.64 -0.26
C GLN A 10 -2.00 -3.50 0.19
N ARG A 11 -1.00 -3.84 0.99
CA ARG A 11 -0.05 -2.85 1.48
C ARG A 11 0.90 -2.43 0.37
N ILE A 12 1.39 -3.39 -0.39
CA ILE A 12 2.32 -3.10 -1.48
C ILE A 12 1.58 -2.55 -2.70
N LYS A 13 0.31 -2.92 -2.85
CA LYS A 13 -0.47 -2.42 -3.98
C LYS A 13 -0.69 -0.92 -3.85
N ASP A 14 -1.15 -0.49 -2.67
CA ASP A 14 -1.37 0.93 -2.42
C ASP A 14 -0.02 1.64 -2.38
N PHE A 15 1.01 0.83 -2.13
CA PHE A 15 2.39 1.31 -2.05
C PHE A 15 2.76 2.14 -3.25
N LEU A 16 2.51 1.60 -4.44
CA LEU A 16 2.86 2.30 -5.66
C LEU A 16 2.10 3.63 -5.74
N ARG A 17 0.90 3.66 -5.18
CA ARG A 17 0.08 4.86 -5.20
C ARG A 17 0.64 5.91 -4.23
N ASN A 18 1.16 5.44 -3.10
CA ASN A 18 1.72 6.35 -2.09
C ASN A 18 3.14 6.76 -2.47
N LEU A 19 3.93 5.81 -2.95
CA LEU A 19 5.30 6.10 -3.33
C LEU A 19 5.32 7.01 -4.55
N VAL A 20 4.89 8.25 -4.35
CA VAL A 20 4.85 9.22 -5.44
C VAL A 20 6.23 9.85 -5.66
N PRO A 21 6.54 10.24 -6.86
CA PRO A 21 7.85 10.87 -7.19
C PRO A 21 8.28 11.87 -6.12
N ARG A 22 7.34 12.30 -5.29
CA ARG A 22 7.63 13.25 -4.22
C ARG A 22 7.77 14.66 -4.79
N THR A 23 7.82 15.65 -3.90
CA THR A 23 7.97 17.04 -4.32
C THR A 23 6.80 17.45 -5.22
N GLU A 24 5.81 16.57 -5.33
CA GLU A 24 4.64 16.85 -6.17
C GLU A 24 3.86 18.04 -5.60
N SER A 25 3.61 19.03 -6.45
CA SER A 25 2.87 20.22 -6.03
C SER A 25 2.27 20.94 -7.23
N ILE A 1 13.12 11.35 -7.53
CA ILE A 1 14.16 12.33 -7.12
C ILE A 1 15.37 11.58 -6.58
N GLY A 2 15.29 10.25 -6.57
CA GLY A 2 16.39 9.42 -6.09
C GLY A 2 15.91 8.47 -4.99
N LYS A 3 14.58 8.30 -4.90
CA LYS A 3 14.01 7.42 -3.90
C LYS A 3 12.57 7.05 -4.26
N GLU A 4 12.36 5.81 -4.66
CA GLU A 4 11.04 5.34 -5.04
C GLU A 4 10.17 5.11 -3.81
N PHE A 5 9.87 6.19 -3.09
CA PHE A 5 9.04 6.09 -1.89
C PHE A 5 7.59 5.84 -2.26
N LYS A 6 7.18 6.36 -3.41
CA LYS A 6 5.80 6.19 -3.86
C LYS A 6 5.52 4.72 -4.18
N ARG A 7 6.56 3.99 -4.60
CA ARG A 7 6.40 2.58 -4.95
C ARG A 7 6.06 1.74 -3.73
N ILE A 8 6.81 1.89 -2.66
CA ILE A 8 6.57 1.12 -1.44
C ILE A 8 5.17 1.37 -0.90
N VAL A 9 4.64 2.57 -1.12
CA VAL A 9 3.30 2.90 -0.65
C VAL A 9 2.24 2.21 -1.50
N GLN A 10 2.38 2.31 -2.82
CA GLN A 10 1.43 1.69 -3.73
C GLN A 10 1.28 0.20 -3.42
N ARG A 11 2.28 -0.36 -2.74
CA ARG A 11 2.25 -1.78 -2.39
C ARG A 11 1.28 -2.05 -1.26
N ILE A 12 1.35 -1.24 -0.20
CA ILE A 12 0.46 -1.43 0.94
C ILE A 12 -0.99 -1.13 0.57
N LYS A 13 -1.21 -0.26 -0.41
CA LYS A 13 -2.56 0.09 -0.82
C LYS A 13 -3.30 -1.13 -1.38
N ASP A 14 -2.66 -1.82 -2.32
CA ASP A 14 -3.27 -3.02 -2.91
C ASP A 14 -3.27 -4.13 -1.86
N PHE A 15 -2.36 -3.97 -0.90
CA PHE A 15 -2.19 -4.91 0.20
C PHE A 15 -3.52 -5.20 0.88
N LEU A 16 -4.22 -4.13 1.25
CA LEU A 16 -5.49 -4.29 1.94
C LEU A 16 -6.50 -5.01 1.06
N ARG A 17 -6.34 -4.87 -0.25
CA ARG A 17 -7.26 -5.51 -1.19
C ARG A 17 -7.04 -7.03 -1.22
N ASN A 18 -5.78 -7.45 -1.10
CA ASN A 18 -5.46 -8.87 -1.13
C ASN A 18 -5.55 -9.48 0.27
N LEU A 19 -5.07 -8.74 1.27
CA LEU A 19 -5.10 -9.23 2.65
C LEU A 19 -6.50 -9.73 3.00
N VAL A 20 -6.55 -10.71 3.89
CA VAL A 20 -7.83 -11.30 4.30
C VAL A 20 -8.88 -10.19 4.48
N PRO A 21 -10.14 -10.50 4.20
CA PRO A 21 -11.25 -9.52 4.33
C PRO A 21 -11.12 -8.67 5.59
N ARG A 22 -10.33 -7.59 5.49
CA ARG A 22 -10.13 -6.70 6.64
C ARG A 22 -9.86 -5.28 6.14
N THR A 23 -10.92 -4.52 5.91
CA THR A 23 -10.79 -3.16 5.44
C THR A 23 -9.95 -2.33 6.42
N GLU A 24 -10.51 -2.09 7.60
CA GLU A 24 -9.80 -1.32 8.62
C GLU A 24 -10.62 -1.27 9.91
N SER A 25 -9.92 -1.11 11.03
CA SER A 25 -10.58 -1.05 12.32
C SER A 25 -9.58 -0.77 13.44
N ILE A 1 8.68 -8.10 6.19
CA ILE A 1 9.23 -9.47 6.01
C ILE A 1 8.13 -10.49 6.27
N GLY A 2 7.25 -10.16 7.21
CA GLY A 2 6.15 -11.06 7.55
C GLY A 2 5.43 -10.57 8.80
N LYS A 3 6.12 -10.64 9.94
CA LYS A 3 5.54 -10.20 11.21
C LYS A 3 6.22 -8.92 11.69
N GLU A 4 6.18 -7.88 10.84
CA GLU A 4 6.79 -6.61 11.18
C GLU A 4 5.95 -5.46 10.62
N PHE A 5 6.41 -4.23 10.87
CA PHE A 5 5.67 -3.06 10.37
C PHE A 5 5.86 -2.91 8.87
N LYS A 6 7.04 -3.28 8.38
CA LYS A 6 7.32 -3.15 6.96
C LYS A 6 6.23 -3.83 6.13
N ARG A 7 5.62 -4.87 6.69
CA ARG A 7 4.56 -5.60 6.01
C ARG A 7 3.42 -4.67 5.62
N ILE A 8 2.96 -3.87 6.58
CA ILE A 8 1.86 -2.94 6.32
C ILE A 8 2.22 -1.96 5.21
N VAL A 9 3.50 -1.65 5.08
CA VAL A 9 3.96 -0.73 4.05
C VAL A 9 3.77 -1.33 2.66
N GLN A 10 4.01 -2.62 2.55
CA GLN A 10 3.87 -3.30 1.26
C GLN A 10 2.39 -3.47 0.90
N ARG A 11 1.53 -3.44 1.92
CA ARG A 11 0.10 -3.59 1.71
C ARG A 11 -0.49 -2.32 1.10
N ILE A 12 0.09 -1.17 1.42
CA ILE A 12 -0.43 0.09 0.91
C ILE A 12 0.07 0.36 -0.53
N LYS A 13 1.24 -0.17 -0.87
CA LYS A 13 1.79 0.06 -2.21
C LYS A 13 0.84 -0.47 -3.29
N ASP A 14 0.41 -1.72 -3.16
CA ASP A 14 -0.51 -2.32 -4.13
C ASP A 14 -1.87 -1.67 -3.96
N PHE A 15 -2.08 -1.14 -2.77
CA PHE A 15 -3.32 -0.47 -2.41
C PHE A 15 -3.71 0.60 -3.41
N LEU A 16 -2.77 1.48 -3.72
CA LEU A 16 -3.05 2.56 -4.66
C LEU A 16 -3.53 1.99 -5.99
N ARG A 17 -3.10 0.77 -6.31
CA ARG A 17 -3.50 0.15 -7.56
C ARG A 17 -5.01 -0.11 -7.57
N ASN A 18 -5.54 -0.55 -6.43
CA ASN A 18 -6.97 -0.82 -6.32
C ASN A 18 -7.75 0.48 -6.15
N LEU A 19 -7.17 1.40 -5.39
CA LEU A 19 -7.83 2.69 -5.15
C LEU A 19 -7.65 3.60 -6.36
N VAL A 20 -8.11 3.13 -7.52
CA VAL A 20 -8.01 3.90 -8.76
C VAL A 20 -8.06 5.41 -8.49
N PRO A 21 -6.92 6.04 -8.37
CA PRO A 21 -6.84 7.50 -8.10
C PRO A 21 -6.91 8.33 -9.38
N ARG A 22 -6.55 9.60 -9.27
CA ARG A 22 -6.58 10.49 -10.43
C ARG A 22 -5.73 11.73 -10.17
N THR A 23 -4.66 11.56 -9.39
CA THR A 23 -3.78 12.67 -9.08
C THR A 23 -2.57 12.19 -8.28
N GLU A 24 -2.20 10.93 -8.50
CA GLU A 24 -1.05 10.35 -7.80
C GLU A 24 -1.09 10.71 -6.32
N SER A 25 -2.30 10.76 -5.76
CA SER A 25 -2.46 11.10 -4.35
C SER A 25 -3.84 10.66 -3.85
N ILE A 1 5.25 -21.32 2.73
CA ILE A 1 5.96 -20.28 3.54
C ILE A 1 5.00 -19.65 4.53
N GLY A 2 4.09 -18.83 4.03
CA GLY A 2 3.11 -18.17 4.89
C GLY A 2 3.57 -16.76 5.26
N LYS A 3 4.75 -16.67 5.88
CA LYS A 3 5.28 -15.37 6.28
C LYS A 3 5.20 -14.38 5.13
N GLU A 4 6.06 -14.56 4.13
CA GLU A 4 6.07 -13.67 2.98
C GLU A 4 6.16 -12.22 3.43
N PHE A 5 7.35 -11.64 3.31
CA PHE A 5 7.56 -10.25 3.70
C PHE A 5 6.94 -9.30 2.67
N LYS A 6 6.99 -9.71 1.41
CA LYS A 6 6.46 -8.87 0.34
C LYS A 6 5.00 -8.47 0.61
N ARG A 7 4.27 -9.32 1.32
CA ARG A 7 2.87 -9.02 1.62
C ARG A 7 2.75 -7.81 2.53
N ILE A 8 3.78 -7.57 3.35
CA ILE A 8 3.76 -6.43 4.26
C ILE A 8 3.91 -5.12 3.47
N VAL A 9 4.62 -5.20 2.35
CA VAL A 9 4.83 -4.01 1.52
C VAL A 9 3.58 -3.70 0.70
N GLN A 10 2.94 -4.73 0.17
CA GLN A 10 1.74 -4.55 -0.63
C GLN A 10 0.70 -3.75 0.15
N ARG A 11 0.83 -3.75 1.48
CA ARG A 11 -0.10 -3.03 2.33
C ARG A 11 0.15 -1.53 2.24
N ILE A 12 1.42 -1.15 2.23
CA ILE A 12 1.78 0.26 2.16
C ILE A 12 1.71 0.79 0.72
N LYS A 13 1.92 -0.10 -0.25
CA LYS A 13 1.88 0.33 -1.65
C LYS A 13 0.53 0.94 -2.02
N ASP A 14 -0.55 0.24 -1.68
CA ASP A 14 -1.90 0.75 -1.97
C ASP A 14 -2.19 1.90 -1.01
N PHE A 15 -1.49 1.88 0.11
CA PHE A 15 -1.61 2.88 1.15
C PHE A 15 -1.46 4.28 0.60
N LEU A 16 -0.38 4.49 -0.15
CA LEU A 16 -0.12 5.80 -0.71
C LEU A 16 -1.18 6.19 -1.74
N ARG A 17 -1.75 5.18 -2.40
CA ARG A 17 -2.77 5.43 -3.41
C ARG A 17 -4.03 5.99 -2.77
N ASN A 18 -4.30 5.61 -1.53
CA ASN A 18 -5.48 6.08 -0.82
C ASN A 18 -5.16 7.28 0.07
N LEU A 19 -4.00 7.24 0.71
CA LEU A 19 -3.60 8.33 1.60
C LEU A 19 -3.56 9.66 0.86
N VAL A 20 -3.88 9.64 -0.43
CA VAL A 20 -3.87 10.86 -1.23
C VAL A 20 -4.59 10.65 -2.56
N PRO A 21 -5.90 10.77 -2.55
CA PRO A 21 -6.72 10.59 -3.77
C PRO A 21 -6.79 11.87 -4.61
N ARG A 22 -7.72 11.92 -5.55
CA ARG A 22 -7.87 13.09 -6.41
C ARG A 22 -7.90 14.36 -5.56
N THR A 23 -6.96 15.26 -5.84
CA THR A 23 -6.88 16.52 -5.10
C THR A 23 -8.21 17.27 -5.16
N GLU A 24 -8.95 17.04 -6.24
CA GLU A 24 -10.24 17.70 -6.41
C GLU A 24 -11.14 17.46 -5.19
N SER A 25 -11.52 18.54 -4.54
CA SER A 25 -12.38 18.44 -3.35
C SER A 25 -12.93 19.81 -2.97
N ILE A 1 -1.39 -17.23 -1.95
CA ILE A 1 0.01 -16.86 -1.61
C ILE A 1 0.97 -17.67 -2.47
N GLY A 2 1.97 -17.00 -3.03
CA GLY A 2 2.95 -17.68 -3.88
C GLY A 2 3.67 -16.67 -4.78
N LYS A 3 4.98 -16.54 -4.56
CA LYS A 3 5.77 -15.61 -5.35
C LYS A 3 5.05 -14.28 -5.53
N GLU A 4 5.58 -13.43 -6.42
CA GLU A 4 4.98 -12.13 -6.68
C GLU A 4 4.32 -11.56 -5.42
N PHE A 5 4.90 -11.86 -4.27
CA PHE A 5 4.35 -11.39 -3.01
C PHE A 5 4.55 -9.88 -2.86
N LYS A 6 5.61 -9.37 -3.47
CA LYS A 6 5.91 -7.95 -3.39
C LYS A 6 4.70 -7.12 -3.78
N ARG A 7 3.87 -7.68 -4.67
CA ARG A 7 2.67 -6.98 -5.11
C ARG A 7 1.76 -6.67 -3.93
N ILE A 8 1.62 -7.64 -3.02
CA ILE A 8 0.78 -7.45 -1.85
C ILE A 8 1.25 -6.27 -1.00
N VAL A 9 2.56 -6.01 -1.03
CA VAL A 9 3.12 -4.91 -0.26
C VAL A 9 2.78 -3.57 -0.91
N GLN A 10 2.81 -3.54 -2.24
CA GLN A 10 2.51 -2.31 -2.97
C GLN A 10 1.06 -1.90 -2.72
N ARG A 11 0.24 -2.85 -2.31
CA ARG A 11 -1.17 -2.57 -2.05
C ARG A 11 -1.33 -1.81 -0.73
N ILE A 12 -0.56 -2.19 0.28
CA ILE A 12 -0.65 -1.52 1.57
C ILE A 12 0.03 -0.14 1.53
N LYS A 13 1.02 0.02 0.65
CA LYS A 13 1.70 1.32 0.56
C LYS A 13 0.74 2.38 0.03
N ASP A 14 0.06 2.08 -1.08
CA ASP A 14 -0.90 3.01 -1.66
C ASP A 14 -2.08 3.14 -0.70
N PHE A 15 -2.22 2.13 0.14
CA PHE A 15 -3.29 2.05 1.13
C PHE A 15 -3.36 3.32 1.96
N LEU A 16 -2.23 3.73 2.50
CA LEU A 16 -2.20 4.92 3.33
C LEU A 16 -2.77 6.11 2.57
N ARG A 17 -2.35 6.26 1.32
CA ARG A 17 -2.83 7.35 0.49
C ARG A 17 -4.34 7.29 0.33
N ASN A 18 -4.86 6.08 0.15
CA ASN A 18 -6.30 5.90 -0.01
C ASN A 18 -7.01 6.03 1.33
N LEU A 19 -6.39 5.50 2.38
CA LEU A 19 -6.97 5.58 3.72
C LEU A 19 -6.85 6.99 4.28
N VAL A 20 -5.62 7.47 4.42
CA VAL A 20 -5.38 8.81 4.95
C VAL A 20 -4.70 9.68 3.89
N PRO A 21 -5.21 10.87 3.64
CA PRO A 21 -4.62 11.80 2.62
C PRO A 21 -3.35 12.46 3.13
N ARG A 22 -3.46 13.24 4.19
CA ARG A 22 -2.31 13.92 4.75
C ARG A 22 -2.66 14.56 6.09
N THR A 23 -2.68 13.75 7.15
CA THR A 23 -3.01 14.25 8.48
C THR A 23 -1.75 14.35 9.34
N GLU A 24 -0.69 13.66 8.91
CA GLU A 24 0.57 13.68 9.65
C GLU A 24 1.32 14.99 9.37
N SER A 25 0.58 16.05 9.10
CA SER A 25 1.19 17.35 8.83
C SER A 25 0.14 18.44 8.85
N ILE A 1 6.61 -18.17 6.48
CA ILE A 1 7.20 -19.52 6.24
C ILE A 1 7.28 -19.78 4.74
N GLY A 2 6.35 -19.17 3.99
CA GLY A 2 6.32 -19.34 2.54
C GLY A 2 6.27 -17.99 1.84
N LYS A 3 5.25 -17.20 2.13
CA LYS A 3 5.10 -15.88 1.51
C LYS A 3 5.84 -14.83 2.33
N GLU A 4 5.31 -13.60 2.32
CA GLU A 4 5.92 -12.51 3.06
C GLU A 4 4.96 -11.33 3.16
N PHE A 5 4.41 -11.12 4.36
CA PHE A 5 3.47 -10.03 4.60
C PHE A 5 4.19 -8.69 4.63
N LYS A 6 5.44 -8.69 5.05
CA LYS A 6 6.21 -7.46 5.14
C LYS A 6 6.17 -6.69 3.82
N ARG A 7 6.09 -7.41 2.71
CA ARG A 7 6.05 -6.79 1.39
C ARG A 7 4.68 -6.19 1.11
N ILE A 8 3.63 -6.83 1.61
CA ILE A 8 2.27 -6.35 1.38
C ILE A 8 2.11 -4.94 1.93
N VAL A 9 2.85 -4.63 2.99
CA VAL A 9 2.78 -3.30 3.60
C VAL A 9 3.27 -2.23 2.62
N GLN A 10 4.26 -2.58 1.81
CA GLN A 10 4.81 -1.64 0.84
C GLN A 10 3.86 -1.48 -0.34
N ARG A 11 2.98 -2.47 -0.52
CA ARG A 11 2.02 -2.44 -1.63
C ARG A 11 0.92 -1.41 -1.39
N ILE A 12 0.59 -1.18 -0.12
CA ILE A 12 -0.46 -0.22 0.19
C ILE A 12 0.04 1.22 0.08
N LYS A 13 1.34 1.44 0.28
CA LYS A 13 1.88 2.80 0.19
C LYS A 13 1.77 3.33 -1.24
N ASP A 14 2.23 2.54 -2.20
CA ASP A 14 2.15 2.94 -3.61
C ASP A 14 0.69 2.95 -4.03
N PHE A 15 -0.10 2.20 -3.28
CA PHE A 15 -1.53 2.06 -3.50
C PHE A 15 -2.20 3.42 -3.64
N LEU A 16 -1.94 4.29 -2.68
CA LEU A 16 -2.56 5.61 -2.69
C LEU A 16 -2.25 6.35 -3.99
N ARG A 17 -1.10 6.06 -4.58
CA ARG A 17 -0.71 6.72 -5.83
C ARG A 17 -1.71 6.40 -6.93
N ASN A 18 -2.08 5.12 -7.04
CA ASN A 18 -3.03 4.70 -8.06
C ASN A 18 -4.45 5.06 -7.64
N LEU A 19 -4.74 4.95 -6.35
CA LEU A 19 -6.06 5.28 -5.83
C LEU A 19 -6.21 6.79 -5.66
N VAL A 20 -5.07 7.50 -5.75
CA VAL A 20 -5.06 8.96 -5.60
C VAL A 20 -6.30 9.46 -4.85
N PRO A 21 -6.39 9.13 -3.58
CA PRO A 21 -7.54 9.54 -2.72
C PRO A 21 -7.35 10.95 -2.17
N ARG A 22 -8.33 11.40 -1.40
CA ARG A 22 -8.27 12.74 -0.80
C ARG A 22 -7.54 12.69 0.54
N THR A 23 -6.41 13.37 0.62
CA THR A 23 -5.64 13.41 1.86
C THR A 23 -6.32 14.29 2.89
N GLU A 24 -7.64 14.40 2.81
CA GLU A 24 -8.40 15.22 3.74
C GLU A 24 -7.82 16.62 3.81
N SER A 25 -6.89 16.92 2.90
CA SER A 25 -6.27 18.24 2.86
C SER A 25 -5.88 18.69 4.27
#